data_9ARR
#
_entry.id   9ARR
#
_cell.length_a   143.364
_cell.length_b   49.021
_cell.length_c   78.133
_cell.angle_alpha   90.00
_cell.angle_beta   113.64
_cell.angle_gamma   90.00
#
_symmetry.space_group_name_H-M   'C 1 2 1'
#
loop_
_entity.id
_entity.type
_entity.pdbx_description
1 polymer 'Protein AF-9'
2 polymer 'Histone acetyltransferase KAT6A'
3 non-polymer 'LITHIUM ION'
4 non-polymer 'NITRATE ION'
5 non-polymer DI(HYDROXYETHYL)ETHER
6 non-polymer GLYCEROL
7 water water
#
loop_
_entity_poly.entity_id
_entity_poly.type
_entity_poly.pdbx_seq_one_letter_code
_entity_poly.pdbx_strand_id
1 'polypeptide(L)'
;MASSCAVQVKLELGHRAQVRKKPTVEGFTHDWMVFVRGPEHSNIQHFVEKVVFHLHESFPRPKRVCKDPPYKVEESGYAG
FILPIEVYFKNKEEPRKVRFDYDLFLHLEGHPPVNHLRCEKLTFNNPTEDFRRKLLKA
;
A,B
2 'polypeptide(L)' LT(KCR)PTLKRK(KCR)PFL C
#
loop_
_chem_comp.id
_chem_comp.type
_chem_comp.name
_chem_comp.formula
GOL non-polymer GLYCEROL 'C3 H8 O3'
LI non-polymer 'LITHIUM ION' 'Li 1'
NO3 non-polymer 'NITRATE ION' 'N O3 -1'
PEG non-polymer DI(HYDROXYETHYL)ETHER 'C4 H10 O3'
#
# COMPACT_ATOMS: atom_id res chain seq x y z
N MET A 1 -14.01 -7.02 1.70
CA MET A 1 -13.41 -8.38 1.73
C MET A 1 -12.66 -8.66 0.41
N ALA A 2 -13.11 -8.25 -0.78
CA ALA A 2 -12.34 -8.58 -2.00
C ALA A 2 -11.01 -7.80 -2.02
N SER A 3 -11.09 -6.54 -1.59
CA SER A 3 -9.97 -5.63 -1.69
C SER A 3 -9.12 -5.66 -0.42
N SER A 4 -7.84 -5.31 -0.59
CA SER A 4 -6.93 -5.05 0.50
C SER A 4 -5.92 -4.01 0.03
N CYS A 5 -5.18 -3.39 0.95
CA CYS A 5 -4.14 -2.48 0.53
C CYS A 5 -2.99 -2.45 1.53
N ALA A 6 -1.86 -2.05 0.98
CA ALA A 6 -0.61 -1.82 1.70
C ALA A 6 -0.26 -0.36 1.45
N VAL A 7 -0.08 0.40 2.54
CA VAL A 7 0.43 1.75 2.43
C VAL A 7 1.85 1.78 2.95
N GLN A 8 2.74 2.34 2.14
CA GLN A 8 4.13 2.56 2.50
C GLN A 8 4.40 4.05 2.69
N VAL A 9 5.18 4.36 3.76
CA VAL A 9 5.71 5.71 3.90
C VAL A 9 7.21 5.66 4.19
N LYS A 10 7.82 6.73 3.73
CA LYS A 10 9.26 6.88 3.80
C LYS A 10 9.55 7.90 4.90
N LEU A 11 10.51 7.53 5.75
CA LEU A 11 11.07 8.45 6.72
C LEU A 11 12.57 8.57 6.52
N GLU A 12 13.09 9.73 6.88
CA GLU A 12 14.52 9.95 6.92
C GLU A 12 14.87 10.32 8.34
N LEU A 13 15.76 9.52 8.90
CA LEU A 13 16.40 9.80 10.14
C LEU A 13 17.81 10.26 9.82
N GLY A 14 18.37 11.11 10.68
CA GLY A 14 19.72 11.56 10.43
C GLY A 14 20.29 12.43 11.52
N HIS A 15 21.56 12.82 11.34
CA HIS A 15 22.20 13.68 12.30
C HIS A 15 23.39 14.33 11.68
N ARG A 16 23.71 15.49 12.26
CA ARG A 16 24.88 16.27 11.94
C ARG A 16 25.67 16.37 13.23
N ALA A 17 26.99 16.36 13.12
CA ALA A 17 27.80 16.50 14.32
C ALA A 17 29.09 17.16 13.95
N GLN A 18 29.43 18.16 14.74
CA GLN A 18 30.56 19.01 14.41
C GLN A 18 31.35 19.27 15.68
N VAL A 19 32.65 19.08 15.54
CA VAL A 19 33.58 19.43 16.59
C VAL A 19 33.52 20.94 16.72
N ARG A 20 33.25 21.41 17.91
CA ARG A 20 33.19 22.85 18.16
C ARG A 20 34.60 23.46 18.16
N LYS A 21 34.68 24.72 17.74
CA LYS A 21 35.90 25.51 17.73
C LYS A 21 36.54 25.45 19.11
N LYS A 22 35.71 25.44 20.15
CA LYS A 22 36.17 25.49 21.51
C LYS A 22 35.20 24.70 22.39
N PRO A 23 35.68 23.75 23.22
CA PRO A 23 34.78 23.03 24.11
C PRO A 23 33.97 23.97 24.99
N THR A 24 32.76 23.53 25.36
CA THR A 24 32.00 24.28 26.32
C THR A 24 32.61 24.05 27.70
N VAL A 25 31.97 24.72 28.67
CA VAL A 25 32.46 24.79 30.03
C VAL A 25 32.42 23.40 30.61
N GLU A 26 31.40 22.62 30.28
CA GLU A 26 31.28 21.30 30.83
C GLU A 26 32.27 20.36 30.15
N GLY A 27 33.02 20.88 29.16
CA GLY A 27 33.87 20.05 28.33
C GLY A 27 33.15 19.37 27.16
N PHE A 28 31.99 19.89 26.72
CA PHE A 28 31.35 19.34 25.53
C PHE A 28 32.11 19.77 24.28
N THR A 29 32.49 18.79 23.46
CA THR A 29 33.41 19.00 22.35
C THR A 29 32.67 19.15 21.04
N HIS A 30 31.40 18.71 21.02
CA HIS A 30 30.68 18.64 19.77
C HIS A 30 29.32 19.26 19.93
N ASP A 31 28.86 19.82 18.81
CA ASP A 31 27.46 20.13 18.63
C ASP A 31 26.91 19.09 17.68
N TRP A 32 25.70 18.64 17.99
CA TRP A 32 25.01 17.77 17.07
C TRP A 32 23.54 18.05 17.04
N MET A 33 22.96 17.56 15.97
CA MET A 33 21.55 17.64 15.75
C MET A 33 21.08 16.34 15.14
N VAL A 34 19.93 15.87 15.63
CA VAL A 34 19.31 14.66 15.13
C VAL A 34 17.87 14.97 14.78
N PHE A 35 17.36 14.26 13.78
CA PHE A 35 16.09 14.56 13.20
C PHE A 35 15.42 13.33 12.63
N VAL A 36 14.11 13.47 12.57
CA VAL A 36 13.21 12.66 11.79
C VAL A 36 12.46 13.59 10.87
N ARG A 37 12.43 13.21 9.59
CA ARG A 37 11.61 13.92 8.64
C ARG A 37 11.19 12.99 7.52
N GLY A 38 10.41 13.55 6.60
CA GLY A 38 10.05 12.89 5.37
C GLY A 38 11.05 13.27 4.28
N PRO A 39 11.29 12.44 3.26
CA PRO A 39 12.16 12.86 2.15
C PRO A 39 11.59 14.10 1.46
N GLU A 40 12.50 14.98 1.02
CA GLU A 40 12.20 16.09 0.12
C GLU A 40 10.98 16.88 0.56
N HIS A 41 11.04 17.39 1.80
CA HIS A 41 10.09 18.35 2.34
C HIS A 41 8.68 17.75 2.44
N SER A 42 8.52 16.42 2.35
CA SER A 42 7.20 15.81 2.46
C SER A 42 6.67 15.98 3.88
N ASN A 43 5.35 16.06 4.02
CA ASN A 43 4.80 16.38 5.31
C ASN A 43 4.35 15.13 6.07
N ILE A 44 5.14 14.65 7.05
CA ILE A 44 4.82 13.43 7.78
C ILE A 44 3.91 13.74 8.96
N GLN A 45 3.75 15.04 9.26
CA GLN A 45 2.89 15.46 10.35
C GLN A 45 1.47 14.91 10.19
N HIS A 46 1.03 14.70 8.94
CA HIS A 46 -0.30 14.16 8.65
C HIS A 46 -0.52 12.84 9.41
N PHE A 47 0.50 12.01 9.55
CA PHE A 47 0.28 10.75 10.26
C PHE A 47 1.14 10.58 11.50
N VAL A 48 2.07 11.52 11.73
CA VAL A 48 2.92 11.41 12.90
C VAL A 48 2.35 12.28 14.03
N GLU A 49 2.13 11.64 15.18
CA GLU A 49 1.54 12.31 16.32
C GLU A 49 2.64 13.06 17.07
N LYS A 50 3.76 12.38 17.31
CA LYS A 50 4.92 12.99 17.94
C LYS A 50 6.11 12.06 17.75
N VAL A 51 7.29 12.63 18.00
CA VAL A 51 8.55 11.92 18.00
C VAL A 51 9.18 12.16 19.35
N VAL A 52 9.64 11.06 19.95
CA VAL A 52 10.33 11.09 21.21
C VAL A 52 11.75 10.63 20.94
N PHE A 53 12.71 11.47 21.33
CA PHE A 53 14.11 11.21 21.20
C PHE A 53 14.60 10.87 22.58
N HIS A 54 15.12 9.65 22.76
CA HIS A 54 15.60 9.23 24.06
C HIS A 54 17.11 9.42 24.13
N LEU A 55 17.49 10.52 24.76
CA LEU A 55 18.89 10.90 24.85
C LEU A 55 19.54 10.04 25.91
N HIS A 56 20.85 9.85 25.82
CA HIS A 56 21.55 9.15 26.86
C HIS A 56 21.25 9.81 28.19
N GLU A 57 21.20 8.98 29.21
CA GLU A 57 20.75 9.39 30.53
C GLU A 57 21.80 10.27 31.17
N SER A 58 23.02 10.42 30.58
CA SER A 58 23.94 11.46 31.01
C SER A 58 23.34 12.86 30.75
N PHE A 59 22.40 12.99 29.82
CA PHE A 59 21.79 14.29 29.56
C PHE A 59 20.67 14.57 30.54
N PRO A 60 20.51 15.82 31.00
CA PRO A 60 19.38 16.17 31.86
C PRO A 60 18.13 16.07 30.99
N ARG A 61 17.01 15.67 31.58
CA ARG A 61 15.71 15.69 30.90
C ARG A 61 15.84 14.94 29.58
N PRO A 62 16.28 13.66 29.60
CA PRO A 62 16.78 13.03 28.38
C PRO A 62 15.70 12.71 27.35
N LYS A 63 14.44 12.68 27.76
CA LYS A 63 13.39 12.15 26.90
C LYS A 63 12.69 13.33 26.24
N ARG A 64 13.10 13.66 25.01
CA ARG A 64 12.72 14.93 24.39
C ARG A 64 11.64 14.67 23.35
N VAL A 65 10.53 15.40 23.45
CA VAL A 65 9.41 15.16 22.58
C VAL A 65 9.21 16.35 21.64
N CYS A 66 8.96 16.09 20.37
CA CYS A 66 8.48 17.08 19.43
C CYS A 66 7.11 16.63 18.89
N LYS A 67 6.06 17.42 19.17
CA LYS A 67 4.71 17.11 18.73
C LYS A 67 4.51 17.62 17.31
N ASP A 68 5.31 18.62 16.97
CA ASP A 68 5.20 19.35 15.73
C ASP A 68 6.54 19.38 15.04
N PRO A 69 6.59 19.37 13.70
CA PRO A 69 7.85 19.50 12.99
C PRO A 69 8.43 20.88 13.24
N PRO A 70 9.76 21.07 13.16
CA PRO A 70 10.66 19.98 12.80
C PRO A 70 10.89 19.02 13.96
N TYR A 71 10.92 17.71 13.67
CA TYR A 71 11.14 16.69 14.68
C TYR A 71 12.64 16.55 14.81
N LYS A 72 13.20 17.26 15.80
CA LYS A 72 14.64 17.30 15.93
C LYS A 72 15.04 17.72 17.33
N VAL A 73 16.28 17.38 17.68
CA VAL A 73 16.90 17.78 18.92
C VAL A 73 18.29 18.28 18.58
N GLU A 74 18.66 19.39 19.18
CA GLU A 74 19.99 19.95 19.03
C GLU A 74 20.63 19.96 20.39
N GLU A 75 21.87 19.54 20.44
CA GLU A 75 22.54 19.33 21.70
C GLU A 75 24.03 19.49 21.49
N SER A 76 24.73 19.50 22.61
CA SER A 76 26.17 19.51 22.65
C SER A 76 26.55 18.35 23.56
N GLY A 77 27.69 17.73 23.31
CA GLY A 77 28.14 16.62 24.13
C GLY A 77 29.56 16.19 23.78
N TYR A 78 30.00 15.04 24.32
CA TYR A 78 31.39 14.64 24.17
C TYR A 78 31.51 13.24 23.58
N ALA A 79 30.41 12.51 23.44
CA ALA A 79 30.47 11.10 23.04
C ALA A 79 29.22 10.73 22.25
N GLY A 80 29.43 9.99 21.16
CA GLY A 80 28.41 9.26 20.44
C GLY A 80 27.71 8.25 21.35
N PHE A 81 26.49 7.87 20.98
CA PHE A 81 25.79 6.83 21.72
C PHE A 81 24.58 6.41 20.92
N ILE A 82 23.83 5.43 21.42
CA ILE A 82 22.68 4.91 20.70
C ILE A 82 21.46 5.67 21.22
N LEU A 83 20.68 6.23 20.30
CA LEU A 83 19.62 7.15 20.66
C LEU A 83 18.30 6.61 20.16
N PRO A 84 17.53 5.92 21.00
CA PRO A 84 16.24 5.41 20.59
C PRO A 84 15.33 6.55 20.18
N ILE A 85 14.70 6.40 19.04
CA ILE A 85 13.75 7.36 18.50
C ILE A 85 12.44 6.63 18.34
N GLU A 86 11.39 7.23 18.90
CA GLU A 86 10.06 6.67 18.82
C GLU A 86 9.20 7.63 18.03
N VAL A 87 8.68 7.09 16.93
CA VAL A 87 7.73 7.79 16.11
C VAL A 87 6.36 7.21 16.38
N TYR A 88 5.49 8.05 16.95
CA TYR A 88 4.12 7.71 17.29
C TYR A 88 3.23 8.17 16.14
N PHE A 89 2.22 7.33 15.84
CA PHE A 89 1.36 7.58 14.71
C PHE A 89 0.01 8.11 15.19
N LYS A 90 -0.65 8.89 14.34
CA LYS A 90 -1.99 9.38 14.60
C LYS A 90 -3.01 8.31 14.24
N ASN A 91 -2.96 7.26 15.03
CA ASN A 91 -3.44 5.94 14.73
C ASN A 91 -4.30 5.51 15.89
N LYS A 92 -5.19 4.52 15.71
CA LYS A 92 -6.12 4.18 16.76
C LYS A 92 -6.17 2.66 16.90
N GLU A 93 -5.02 2.02 16.76
CA GLU A 93 -4.92 0.61 16.45
C GLU A 93 -3.43 0.29 16.39
N GLU A 94 -3.06 -0.99 16.55
CA GLU A 94 -1.65 -1.34 16.46
C GLU A 94 -1.20 -1.24 15.01
N PRO A 95 0.08 -0.90 14.74
CA PRO A 95 1.00 -0.37 15.75
C PRO A 95 0.78 1.14 15.95
N ARG A 96 0.91 1.59 17.20
CA ARG A 96 0.72 3.00 17.55
C ARG A 96 2.02 3.78 17.32
N LYS A 97 3.14 3.09 17.21
CA LYS A 97 4.43 3.74 17.09
C LYS A 97 5.44 2.72 16.58
N VAL A 98 6.62 3.23 16.25
CA VAL A 98 7.74 2.44 15.84
C VAL A 98 8.98 3.05 16.46
N ARG A 99 9.93 2.17 16.76
CA ARG A 99 11.15 2.55 17.41
C ARG A 99 12.33 2.26 16.48
N PHE A 100 13.22 3.24 16.36
CA PHE A 100 14.49 3.07 15.70
C PHE A 100 15.58 3.30 16.72
N ASP A 101 16.58 2.43 16.72
CA ASP A 101 17.76 2.66 17.52
C ASP A 101 18.77 3.41 16.67
N TYR A 102 18.93 4.71 16.94
CA TYR A 102 19.69 5.53 16.01
C TYR A 102 21.10 5.67 16.55
N ASP A 103 22.07 5.40 15.69
CA ASP A 103 23.46 5.47 16.05
C ASP A 103 23.94 6.92 15.89
N LEU A 104 24.07 7.61 17.00
CA LEU A 104 24.46 9.02 16.99
C LEU A 104 25.96 9.05 17.23
N PHE A 105 26.73 9.00 16.14
CA PHE A 105 28.16 8.96 16.25
C PHE A 105 28.74 10.35 15.94
N LEU A 106 29.92 10.53 16.55
CA LEU A 106 30.79 11.68 16.45
C LEU A 106 32.08 11.24 15.78
N HIS A 107 32.66 12.08 14.95
CA HIS A 107 34.01 11.90 14.48
C HIS A 107 34.94 12.88 15.21
N LEU A 108 36.23 12.60 15.14
CA LEU A 108 37.22 13.30 15.93
C LEU A 108 37.58 14.62 15.25
N GLU A 109 38.15 15.52 16.01
CA GLU A 109 38.76 16.72 15.44
C GLU A 109 39.71 16.27 14.34
N GLY A 110 39.69 16.95 13.21
CA GLY A 110 40.57 16.61 12.11
C GLY A 110 39.77 16.07 10.96
N HIS A 111 38.62 15.48 11.32
CA HIS A 111 37.71 14.93 10.34
C HIS A 111 36.67 15.96 10.04
N PRO A 112 36.12 15.97 8.83
CA PRO A 112 35.00 16.87 8.50
C PRO A 112 33.79 16.52 9.34
N PRO A 113 32.80 17.42 9.43
CA PRO A 113 31.62 17.13 10.22
C PRO A 113 30.92 15.85 9.76
N VAL A 114 30.21 15.23 10.67
CA VAL A 114 29.27 14.19 10.33
C VAL A 114 28.01 14.81 9.76
N ASN A 115 27.58 14.21 8.66
CA ASN A 115 26.30 14.46 8.05
C ASN A 115 25.75 13.12 7.58
N HIS A 116 24.90 12.50 8.39
CA HIS A 116 24.49 11.13 8.13
C HIS A 116 23.00 11.14 7.83
N LEU A 117 22.60 10.25 6.93
CA LEU A 117 21.21 10.09 6.56
C LEU A 117 20.90 8.60 6.48
N ARG A 118 19.80 8.21 7.11
CA ARG A 118 19.34 6.84 7.15
C ARG A 118 17.86 6.82 6.74
N CYS A 119 17.59 6.16 5.61
CA CYS A 119 16.23 6.06 5.08
C CYS A 119 15.54 4.84 5.68
N GLU A 120 14.27 5.02 6.00
CA GLU A 120 13.47 3.97 6.61
C GLU A 120 12.14 3.91 5.88
N LYS A 121 11.63 2.69 5.66
CA LYS A 121 10.36 2.51 5.00
C LYS A 121 9.40 1.85 5.97
N LEU A 122 8.23 2.45 6.12
CA LEU A 122 7.18 1.84 6.92
C LEU A 122 6.12 1.26 6.01
N THR A 123 5.61 0.06 6.34
CA THR A 123 4.53 -0.55 5.59
C THR A 123 3.34 -0.75 6.53
N PHE A 124 2.19 -0.18 6.17
CA PHE A 124 0.99 -0.48 6.93
C PHE A 124 0.01 -1.29 6.08
N ASN A 125 -0.33 -2.49 6.55
CA ASN A 125 -1.27 -3.36 5.84
C ASN A 125 -2.68 -3.11 6.35
N ASN A 126 -3.59 -2.77 5.42
CA ASN A 126 -4.98 -2.59 5.70
C ASN A 126 -5.15 -1.65 6.88
N PRO A 127 -4.60 -0.44 6.84
CA PRO A 127 -4.92 0.56 7.85
C PRO A 127 -6.41 0.87 7.82
N THR A 128 -6.92 1.44 8.90
CA THR A 128 -8.27 1.94 8.95
C THR A 128 -8.41 3.03 7.92
N GLU A 129 -9.65 3.41 7.63
CA GLU A 129 -9.93 4.42 6.64
C GLU A 129 -9.29 5.74 7.09
N ASP A 130 -9.49 6.08 8.36
CA ASP A 130 -9.05 7.37 8.88
C ASP A 130 -7.53 7.52 8.70
N PHE A 131 -6.84 6.48 9.16
CA PHE A 131 -5.39 6.43 9.12
C PHE A 131 -4.88 6.37 7.69
N ARG A 132 -5.58 5.59 6.85
CA ARG A 132 -5.15 5.41 5.47
C ARG A 132 -5.12 6.79 4.85
N ARG A 133 -6.14 7.60 5.15
CA ARG A 133 -6.21 8.91 4.53
C ARG A 133 -5.12 9.83 5.05
N LYS A 134 -4.77 9.67 6.32
CA LYS A 134 -3.70 10.46 6.90
C LYS A 134 -2.39 10.10 6.22
N LEU A 135 -2.05 8.79 6.19
CA LEU A 135 -0.84 8.34 5.54
C LEU A 135 -0.75 8.89 4.12
N LEU A 136 -1.88 8.96 3.42
CA LEU A 136 -1.83 9.21 1.98
C LEU A 136 -1.93 10.68 1.69
N LYS A 137 -2.16 11.50 2.73
CA LYS A 137 -1.93 12.92 2.60
C LYS A 137 -0.42 13.22 2.61
N ALA A 138 0.45 12.28 3.02
CA ALA A 138 1.89 12.55 3.25
C ALA A 138 2.79 12.25 2.03
N MET B 1 5.99 14.05 -2.24
CA MET B 1 4.99 13.06 -1.75
C MET B 1 5.68 11.73 -1.42
N ALA B 2 5.69 11.35 -0.13
CA ALA B 2 6.51 10.27 0.40
C ALA B 2 5.69 9.04 0.77
N SER B 3 4.39 9.04 0.48
CA SER B 3 3.55 7.88 0.72
C SER B 3 3.25 7.21 -0.61
N SER B 4 3.00 5.90 -0.57
CA SER B 4 2.48 5.19 -1.71
C SER B 4 1.55 4.07 -1.23
N CYS B 5 0.78 3.50 -2.16
CA CYS B 5 -0.35 2.62 -1.87
C CYS B 5 -0.41 1.55 -2.95
N ALA B 6 -0.41 0.25 -2.59
CA ALA B 6 -0.80 -0.79 -3.52
C ALA B 6 -2.17 -1.36 -3.08
N VAL B 7 -3.15 -1.32 -3.98
CA VAL B 7 -4.44 -1.95 -3.73
C VAL B 7 -4.54 -3.24 -4.54
N GLN B 8 -4.86 -4.33 -3.83
CA GLN B 8 -5.12 -5.64 -4.41
C GLN B 8 -6.61 -5.96 -4.37
N VAL B 9 -7.13 -6.59 -5.45
CA VAL B 9 -8.51 -7.06 -5.45
C VAL B 9 -8.48 -8.45 -6.04
N LYS B 10 -9.28 -9.29 -5.38
CA LYS B 10 -9.39 -10.69 -5.75
C LYS B 10 -10.64 -10.87 -6.59
N LEU B 11 -10.51 -11.56 -7.71
CA LEU B 11 -11.63 -11.93 -8.55
C LEU B 11 -11.67 -13.45 -8.64
N GLU B 12 -12.89 -13.91 -8.91
CA GLU B 12 -13.12 -15.28 -9.30
C GLU B 12 -13.71 -15.25 -10.69
N LEU B 13 -13.06 -15.99 -11.58
CA LEU B 13 -13.59 -16.34 -12.87
C LEU B 13 -13.93 -17.82 -12.79
N GLY B 14 -14.90 -18.27 -13.57
CA GLY B 14 -15.18 -19.69 -13.58
C GLY B 14 -16.24 -20.05 -14.60
N HIS B 15 -16.54 -21.34 -14.65
CA HIS B 15 -17.62 -21.81 -15.49
C HIS B 15 -18.09 -23.17 -15.03
N ARG B 16 -19.35 -23.45 -15.38
CA ARG B 16 -20.00 -24.74 -15.22
C ARG B 16 -20.34 -25.22 -16.63
N ALA B 17 -20.29 -26.53 -16.83
CA ALA B 17 -20.69 -27.06 -18.12
C ALA B 17 -21.23 -28.47 -17.93
N GLN B 18 -22.35 -28.73 -18.61
CA GLN B 18 -23.12 -29.93 -18.38
C GLN B 18 -23.56 -30.48 -19.73
N VAL B 19 -23.31 -31.76 -19.97
CA VAL B 19 -23.92 -32.44 -21.09
C VAL B 19 -25.44 -32.43 -20.93
N ARG B 20 -26.15 -31.89 -21.92
CA ARG B 20 -27.61 -31.88 -21.91
C ARG B 20 -28.21 -33.29 -22.06
N LYS B 21 -29.38 -33.48 -21.43
CA LYS B 21 -30.07 -34.76 -21.50
C LYS B 21 -30.36 -35.08 -22.97
N LYS B 22 -30.67 -34.04 -23.75
CA LYS B 22 -30.92 -34.22 -25.15
C LYS B 22 -30.34 -33.03 -25.94
N PRO B 23 -29.51 -33.25 -26.99
CA PRO B 23 -29.05 -32.17 -27.85
C PRO B 23 -30.18 -31.29 -28.35
N THR B 24 -29.87 -30.03 -28.59
CA THR B 24 -30.83 -29.14 -29.18
C THR B 24 -30.92 -29.44 -30.67
N VAL B 25 -31.77 -28.64 -31.34
CA VAL B 25 -32.04 -28.78 -32.76
C VAL B 25 -30.75 -28.58 -33.51
N GLU B 26 -29.99 -27.56 -33.10
CA GLU B 26 -28.87 -27.11 -33.92
C GLU B 26 -27.68 -28.04 -33.70
N GLY B 27 -27.84 -29.07 -32.86
CA GLY B 27 -26.75 -29.95 -32.53
C GLY B 27 -26.00 -29.53 -31.26
N PHE B 28 -26.51 -28.56 -30.46
CA PHE B 28 -25.81 -28.13 -29.24
C PHE B 28 -25.95 -29.20 -28.15
N THR B 29 -24.80 -29.71 -27.67
CA THR B 29 -24.78 -30.89 -26.81
C THR B 29 -24.67 -30.55 -25.33
N HIS B 30 -24.27 -29.29 -25.04
CA HIS B 30 -23.89 -28.93 -23.69
C HIS B 30 -24.51 -27.59 -23.33
N ASP B 31 -24.79 -27.45 -22.02
CA ASP B 31 -25.14 -26.16 -21.45
C ASP B 31 -23.97 -25.71 -20.59
N TRP B 32 -23.67 -24.42 -20.68
CA TRP B 32 -22.63 -23.89 -19.83
C TRP B 32 -22.94 -22.47 -19.39
N MET B 33 -22.22 -22.12 -18.34
CA MET B 33 -22.27 -20.76 -17.81
C MET B 33 -20.86 -20.35 -17.40
N VAL B 34 -20.51 -19.11 -17.70
CA VAL B 34 -19.23 -18.53 -17.31
C VAL B 34 -19.53 -17.21 -16.59
N PHE B 35 -18.66 -16.88 -15.65
CA PHE B 35 -18.90 -15.78 -14.74
C PHE B 35 -17.57 -15.19 -14.27
N VAL B 36 -17.69 -13.92 -13.94
CA VAL B 36 -16.74 -13.17 -13.15
C VAL B 36 -17.48 -12.66 -11.90
N ARG B 37 -16.82 -12.85 -10.75
CA ARG B 37 -17.35 -12.26 -9.53
C ARG B 37 -16.24 -12.06 -8.53
N GLY B 38 -16.68 -11.47 -7.41
CA GLY B 38 -15.87 -11.27 -6.24
C GLY B 38 -15.88 -12.58 -5.41
N PRO B 39 -14.81 -12.94 -4.70
CA PRO B 39 -14.91 -14.03 -3.72
C PRO B 39 -15.92 -13.68 -2.62
N GLU B 40 -16.55 -14.74 -2.11
CA GLU B 40 -17.41 -14.68 -0.95
C GLU B 40 -18.42 -13.54 -1.02
N HIS B 41 -19.17 -13.46 -2.11
CA HIS B 41 -20.31 -12.57 -2.30
C HIS B 41 -19.91 -11.10 -2.15
N SER B 42 -18.62 -10.82 -2.27
CA SER B 42 -18.15 -9.45 -2.28
C SER B 42 -18.70 -8.75 -3.52
N ASN B 43 -18.81 -7.45 -3.40
CA ASN B 43 -19.42 -6.60 -4.40
C ASN B 43 -18.31 -5.89 -5.20
N ILE B 44 -18.03 -6.36 -6.42
CA ILE B 44 -16.98 -5.79 -7.25
C ILE B 44 -17.56 -4.65 -8.08
N GLN B 45 -18.86 -4.50 -8.03
CA GLN B 45 -19.51 -3.50 -8.87
C GLN B 45 -19.10 -2.09 -8.45
N HIS B 46 -18.64 -1.94 -7.20
CA HIS B 46 -18.09 -0.69 -6.70
C HIS B 46 -16.99 -0.16 -7.63
N PHE B 47 -16.18 -1.04 -8.20
CA PHE B 47 -15.09 -0.54 -9.06
C PHE B 47 -15.16 -1.10 -10.49
N VAL B 48 -16.11 -2.00 -10.74
CA VAL B 48 -16.24 -2.57 -12.07
C VAL B 48 -17.34 -1.83 -12.83
N GLU B 49 -16.98 -1.32 -14.02
CA GLU B 49 -17.93 -0.67 -14.91
C GLU B 49 -18.75 -1.72 -15.65
N LYS B 50 -18.06 -2.71 -16.21
CA LYS B 50 -18.69 -3.75 -17.01
C LYS B 50 -17.74 -4.90 -17.20
N VAL B 51 -18.33 -6.04 -17.55
CA VAL B 51 -17.58 -7.21 -18.00
C VAL B 51 -18.06 -7.54 -19.40
N VAL B 52 -17.08 -7.75 -20.28
CA VAL B 52 -17.36 -8.10 -21.66
C VAL B 52 -16.83 -9.52 -21.84
N PHE B 53 -17.72 -10.43 -22.26
CA PHE B 53 -17.35 -11.78 -22.58
C PHE B 53 -17.32 -11.88 -24.09
N HIS B 54 -16.18 -12.25 -24.66
CA HIS B 54 -16.08 -12.41 -26.11
C HIS B 54 -16.20 -13.87 -26.47
N LEU B 55 -17.39 -14.26 -26.88
CA LEU B 55 -17.74 -15.62 -27.21
C LEU B 55 -17.14 -15.98 -28.55
N HIS B 56 -16.93 -17.28 -28.82
CA HIS B 56 -16.42 -17.66 -30.13
C HIS B 56 -17.33 -17.08 -31.21
N GLU B 57 -16.71 -16.77 -32.35
CA GLU B 57 -17.41 -16.09 -33.44
C GLU B 57 -18.50 -16.98 -34.03
N SER B 58 -18.50 -18.29 -33.73
CA SER B 58 -19.62 -19.14 -34.09
C SER B 58 -20.91 -18.72 -33.40
N PHE B 59 -20.85 -18.01 -32.27
CA PHE B 59 -22.10 -17.61 -31.62
C PHE B 59 -22.70 -16.35 -32.22
N PRO B 60 -24.04 -16.22 -32.27
CA PRO B 60 -24.67 -14.95 -32.62
C PRO B 60 -24.29 -13.91 -31.56
N ARG B 61 -24.10 -12.65 -31.95
CA ARG B 61 -23.91 -11.56 -31.00
C ARG B 61 -22.80 -11.96 -30.03
N PRO B 62 -21.60 -12.32 -30.51
CA PRO B 62 -20.63 -13.01 -29.66
C PRO B 62 -20.11 -12.16 -28.49
N LYS B 63 -20.20 -10.85 -28.63
CA LYS B 63 -19.69 -9.93 -27.64
C LYS B 63 -20.78 -9.61 -26.63
N ARG B 64 -20.71 -10.25 -25.45
CA ARG B 64 -21.73 -10.15 -24.42
C ARG B 64 -21.26 -9.18 -23.34
N VAL B 65 -22.01 -8.11 -23.11
CA VAL B 65 -21.69 -7.09 -22.15
C VAL B 65 -22.61 -7.24 -20.94
N CYS B 66 -22.05 -7.25 -19.73
CA CYS B 66 -22.82 -7.18 -18.48
C CYS B 66 -22.46 -5.91 -17.72
N LYS B 67 -23.41 -4.98 -17.60
CA LYS B 67 -23.16 -3.70 -16.94
C LYS B 67 -23.39 -3.84 -15.45
N ASP B 68 -24.18 -4.83 -15.07
CA ASP B 68 -24.59 -5.11 -13.71
C ASP B 68 -24.34 -6.57 -13.39
N PRO B 69 -24.03 -6.92 -12.12
CA PRO B 69 -23.92 -8.32 -11.71
C PRO B 69 -25.30 -9.01 -11.83
N PRO B 70 -25.37 -10.34 -11.94
CA PRO B 70 -24.17 -11.17 -11.98
C PRO B 70 -23.48 -11.06 -13.34
N TYR B 71 -22.15 -10.97 -13.34
CA TYR B 71 -21.36 -10.85 -14.56
C TYR B 71 -21.18 -12.26 -15.10
N LYS B 72 -22.04 -12.62 -16.05
CA LYS B 72 -22.09 -13.98 -16.54
C LYS B 72 -22.78 -14.07 -17.90
N VAL B 73 -22.49 -15.18 -18.57
CA VAL B 73 -23.13 -15.57 -19.82
C VAL B 73 -23.54 -17.03 -19.70
N GLU B 74 -24.78 -17.33 -20.10
CA GLU B 74 -25.28 -18.70 -20.10
C GLU B 74 -25.59 -19.06 -21.53
N GLU B 75 -25.11 -20.20 -21.96
CA GLU B 75 -25.19 -20.56 -23.36
C GLU B 75 -25.24 -22.08 -23.46
N SER B 76 -25.60 -22.52 -24.66
CA SER B 76 -25.55 -23.92 -25.05
C SER B 76 -24.71 -23.96 -26.31
N GLY B 77 -24.02 -25.08 -26.52
CA GLY B 77 -23.15 -25.21 -27.67
C GLY B 77 -22.53 -26.60 -27.75
N TYR B 78 -21.53 -26.77 -28.61
CA TYR B 78 -21.06 -28.13 -28.89
C TYR B 78 -19.58 -28.28 -28.56
N ALA B 79 -18.90 -27.18 -28.26
CA ALA B 79 -17.47 -27.28 -28.03
C ALA B 79 -16.99 -26.14 -27.10
N GLY B 80 -15.97 -26.46 -26.31
CA GLY B 80 -15.20 -25.46 -25.61
C GLY B 80 -14.44 -24.53 -26.57
N PHE B 81 -13.86 -23.50 -26.02
CA PHE B 81 -13.03 -22.57 -26.74
C PHE B 81 -12.43 -21.59 -25.74
N ILE B 82 -11.53 -20.76 -26.23
CA ILE B 82 -10.89 -19.75 -25.44
C ILE B 82 -11.75 -18.48 -25.55
N LEU B 83 -12.09 -17.91 -24.40
CA LEU B 83 -13.17 -16.93 -24.29
C LEU B 83 -12.57 -15.71 -23.63
N PRO B 84 -12.10 -14.71 -24.40
CA PRO B 84 -11.53 -13.51 -23.82
C PRO B 84 -12.56 -12.82 -22.96
N ILE B 85 -12.14 -12.44 -21.76
CA ILE B 85 -12.99 -11.71 -20.83
C ILE B 85 -12.31 -10.39 -20.52
N GLU B 86 -13.05 -9.31 -20.62
CA GLU B 86 -12.52 -8.00 -20.34
C GLU B 86 -13.30 -7.39 -19.18
N VAL B 87 -12.55 -7.04 -18.14
CA VAL B 87 -13.14 -6.40 -16.99
C VAL B 87 -12.71 -4.93 -17.01
N TYR B 88 -13.69 -4.07 -17.24
CA TYR B 88 -13.50 -2.62 -17.29
C TYR B 88 -13.75 -1.98 -15.94
N PHE B 89 -12.92 -1.00 -15.59
CA PHE B 89 -12.92 -0.39 -14.27
C PHE B 89 -13.60 0.96 -14.26
N LYS B 90 -14.10 1.37 -13.10
CA LYS B 90 -14.75 2.67 -12.96
C LYS B 90 -13.72 3.75 -12.65
N ASN B 91 -12.80 3.99 -13.57
CA ASN B 91 -11.75 4.98 -13.35
C ASN B 91 -11.59 5.73 -14.66
N LYS B 92 -10.63 6.63 -14.71
CA LYS B 92 -10.48 7.52 -15.84
C LYS B 92 -8.98 7.69 -16.07
N GLU B 93 -8.30 6.56 -16.15
CA GLU B 93 -6.86 6.55 -16.04
C GLU B 93 -6.42 5.12 -16.30
N GLU B 94 -5.18 4.93 -16.73
CA GLU B 94 -4.73 3.58 -17.00
C GLU B 94 -4.51 2.86 -15.68
N PRO B 95 -4.70 1.52 -15.60
CA PRO B 95 -5.38 0.75 -16.65
C PRO B 95 -6.90 0.86 -16.54
N ARG B 96 -7.57 0.89 -17.71
CA ARG B 96 -9.01 1.02 -17.81
C ARG B 96 -9.67 -0.35 -17.69
N LYS B 97 -8.90 -1.41 -17.88
CA LYS B 97 -9.45 -2.74 -17.92
C LYS B 97 -8.32 -3.76 -17.81
N VAL B 98 -8.74 -5.00 -17.66
CA VAL B 98 -7.84 -6.15 -17.68
C VAL B 98 -8.52 -7.24 -18.49
N ARG B 99 -7.69 -8.02 -19.18
CA ARG B 99 -8.17 -9.05 -20.08
C ARG B 99 -7.66 -10.39 -19.57
N PHE B 100 -8.57 -11.35 -19.49
CA PHE B 100 -8.21 -12.73 -19.19
C PHE B 100 -8.64 -13.58 -20.37
N ASP B 101 -7.78 -14.48 -20.81
CA ASP B 101 -8.20 -15.46 -21.79
C ASP B 101 -8.69 -16.71 -21.06
N TYR B 102 -10.02 -16.87 -21.05
CA TYR B 102 -10.62 -17.87 -20.21
C TYR B 102 -10.76 -19.16 -21.00
N ASP B 103 -10.29 -20.26 -20.42
CA ASP B 103 -10.41 -21.54 -21.09
C ASP B 103 -11.78 -22.13 -20.76
N LEU B 104 -12.74 -21.97 -21.67
CA LEU B 104 -14.05 -22.57 -21.46
C LEU B 104 -14.06 -23.98 -22.02
N PHE B 105 -13.78 -24.95 -21.17
CA PHE B 105 -13.72 -26.33 -21.62
C PHE B 105 -14.98 -27.06 -21.17
N LEU B 106 -15.32 -28.10 -21.96
CA LEU B 106 -16.40 -29.05 -21.71
C LEU B 106 -15.81 -30.41 -21.35
N HIS B 107 -16.58 -31.25 -20.68
CA HIS B 107 -16.26 -32.65 -20.51
C HIS B 107 -17.26 -33.43 -21.37
N LEU B 108 -16.87 -34.64 -21.81
CA LEU B 108 -17.78 -35.47 -22.60
C LEU B 108 -18.67 -36.25 -21.65
N GLU B 109 -19.81 -36.73 -22.16
CA GLU B 109 -20.66 -37.55 -21.32
C GLU B 109 -19.86 -38.77 -20.88
N GLY B 110 -20.14 -39.23 -19.67
CA GLY B 110 -19.37 -40.28 -19.04
C GLY B 110 -18.47 -39.68 -17.97
N HIS B 111 -18.01 -38.46 -18.23
CA HIS B 111 -17.18 -37.72 -17.29
C HIS B 111 -18.08 -36.78 -16.52
N PRO B 112 -17.68 -36.35 -15.31
CA PRO B 112 -18.53 -35.46 -14.52
C PRO B 112 -18.64 -34.06 -15.14
N PRO B 113 -19.68 -33.31 -14.77
CA PRO B 113 -19.84 -31.95 -15.27
C PRO B 113 -18.66 -31.07 -14.84
N VAL B 114 -18.45 -30.02 -15.61
CA VAL B 114 -17.39 -29.09 -15.28
C VAL B 114 -17.93 -28.10 -14.25
N ASN B 115 -17.12 -27.90 -13.20
CA ASN B 115 -17.31 -26.77 -12.29
C ASN B 115 -15.93 -26.24 -11.99
N HIS B 116 -15.51 -25.20 -12.71
CA HIS B 116 -14.15 -24.75 -12.61
C HIS B 116 -14.12 -23.38 -11.97
N LEU B 117 -13.05 -23.13 -11.21
CA LEU B 117 -12.86 -21.85 -10.57
C LEU B 117 -11.42 -21.42 -10.79
N ARG B 118 -11.25 -20.19 -11.23
CA ARG B 118 -9.94 -19.59 -11.42
C ARG B 118 -9.91 -18.28 -10.65
N CYS B 119 -8.99 -18.22 -9.70
CA CYS B 119 -8.76 -17.05 -8.89
C CYS B 119 -7.77 -16.15 -9.59
N GLU B 120 -8.03 -14.86 -9.55
CA GLU B 120 -7.13 -13.88 -10.13
C GLU B 120 -6.98 -12.75 -9.14
N LYS B 121 -5.79 -12.16 -9.04
CA LYS B 121 -5.55 -11.03 -8.17
C LYS B 121 -5.18 -9.85 -9.03
N LEU B 122 -5.87 -8.74 -8.91
CA LEU B 122 -5.41 -7.52 -9.54
C LEU B 122 -4.64 -6.68 -8.52
N THR B 123 -3.60 -5.99 -9.00
CA THR B 123 -2.83 -5.05 -8.20
C THR B 123 -2.91 -3.69 -8.84
N PHE B 124 -3.39 -2.67 -8.11
CA PHE B 124 -3.31 -1.32 -8.62
C PHE B 124 -2.34 -0.52 -7.78
N ASN B 125 -1.30 0.04 -8.43
CA ASN B 125 -0.28 0.83 -7.74
C ASN B 125 -0.65 2.31 -7.81
N ASN B 126 -0.78 2.93 -6.65
CA ASN B 126 -1.08 4.35 -6.54
C ASN B 126 -2.23 4.74 -7.43
N PRO B 127 -3.41 4.12 -7.26
CA PRO B 127 -4.59 4.59 -7.99
C PRO B 127 -4.91 6.01 -7.55
N THR B 128 -5.71 6.72 -8.32
CA THR B 128 -6.24 7.99 -7.93
C THR B 128 -7.07 7.80 -6.67
N GLU B 129 -7.38 8.94 -6.05
CA GLU B 129 -8.17 8.93 -4.85
C GLU B 129 -9.54 8.30 -5.12
N ASP B 130 -10.20 8.75 -6.20
CA ASP B 130 -11.57 8.32 -6.52
C ASP B 130 -11.63 6.81 -6.65
N PHE B 131 -10.68 6.30 -7.45
CA PHE B 131 -10.62 4.89 -7.76
C PHE B 131 -10.24 4.09 -6.53
N ARG B 132 -9.29 4.63 -5.74
CA ARG B 132 -8.80 3.94 -4.58
C ARG B 132 -9.98 3.68 -3.66
N ARG B 133 -10.87 4.68 -3.57
CA ARG B 133 -12.01 4.53 -2.67
C ARG B 133 -12.99 3.50 -3.21
N LYS B 134 -13.13 3.47 -4.55
CA LYS B 134 -14.04 2.51 -5.16
C LYS B 134 -13.52 1.11 -4.89
N LEU B 135 -12.21 0.90 -5.13
CA LEU B 135 -11.65 -0.42 -4.95
C LEU B 135 -11.90 -0.87 -3.53
N LEU B 136 -11.78 0.09 -2.59
CA LEU B 136 -11.67 -0.32 -1.20
C LEU B 136 -13.06 -0.43 -0.58
N LYS B 137 -14.10 -0.03 -1.32
CA LYS B 137 -15.44 -0.43 -0.95
C LYS B 137 -15.72 -1.90 -1.24
N ALA B 138 -14.86 -2.61 -2.01
CA ALA B 138 -15.14 -3.99 -2.42
C ALA B 138 -14.54 -5.06 -1.50
N LEU C 1 9.03 13.23 30.10
CA LEU C 1 9.03 13.86 28.73
C LEU C 1 9.27 15.36 28.84
N THR C 2 10.01 15.95 27.86
CA THR C 2 10.46 17.32 27.87
C THR C 2 10.27 17.97 26.52
N KCR C 3 9.59 19.10 26.47
CA KCR C 3 9.61 19.84 25.24
CB KCR C 3 8.57 20.95 25.21
CG KCR C 3 7.20 20.44 25.57
CD KCR C 3 6.19 21.51 25.73
CE KCR C 3 4.95 20.94 26.38
NZ KCR C 3 3.79 21.67 25.95
CH KCR C 3 2.59 21.32 26.32
OH KCR C 3 2.43 20.46 27.19
CX KCR C 3 1.61 22.04 25.72
CY KCR C 3 0.37 22.15 26.15
CH3 KCR C 3 -0.60 23.15 25.63
C KCR C 3 10.98 20.46 25.13
O KCR C 3 11.52 20.87 26.12
N PRO C 4 11.40 20.79 23.94
CA PRO C 4 12.71 21.35 23.83
C PRO C 4 12.50 22.87 23.82
N THR C 5 13.52 23.60 24.27
CA THR C 5 13.48 25.06 24.31
C THR C 5 13.47 25.65 22.91
N LEU C 6 12.91 26.83 22.81
CA LEU C 6 12.75 27.49 21.54
C LEU C 6 13.98 28.35 21.23
N LYS C 7 15.06 28.24 22.02
CA LYS C 7 16.33 28.93 21.74
C LYS C 7 16.93 28.57 20.37
N ARG C 8 17.07 29.57 19.48
CA ARG C 8 17.55 29.34 18.11
C ARG C 8 19.08 29.22 18.06
N LYS C 9 19.57 28.33 17.21
CA LYS C 9 20.98 28.04 17.13
C LYS C 9 21.50 28.23 15.71
N KCR C 10 22.77 28.56 15.62
CA KCR C 10 23.33 28.73 14.30
CB KCR C 10 24.69 29.43 14.44
CG KCR C 10 24.58 30.87 14.93
CD KCR C 10 24.39 31.72 13.75
CE KCR C 10 24.17 33.16 14.14
NZ KCR C 10 24.06 33.93 12.94
CH KCR C 10 23.13 34.84 12.71
OH KCR C 10 22.40 35.29 13.60
CX KCR C 10 23.28 35.24 11.46
CY KCR C 10 22.92 36.24 10.70
CH3 KCR C 10 23.58 36.48 9.37
C KCR C 10 23.47 27.37 13.64
O KCR C 10 23.76 26.43 14.33
N PRO C 11 23.08 27.27 12.36
CA PRO C 11 23.44 26.15 11.48
C PRO C 11 24.91 25.69 11.49
N PHE C 12 25.10 24.42 11.22
CA PHE C 12 26.43 23.84 11.21
C PHE C 12 26.33 22.55 10.40
N LEU C 13 27.49 22.04 9.94
CA LEU C 13 27.59 20.95 8.98
C LEU C 13 27.85 19.61 9.70
LI LI D . 3.12 15.97 14.75
N NO3 E . 37.52 18.93 12.01
O1 NO3 E . 38.58 18.75 11.39
O2 NO3 E . 37.53 18.93 13.23
O3 NO3 E . 36.46 19.11 11.39
N NO3 F . 15.59 18.46 9.63
O1 NO3 F . 16.02 18.18 8.48
O2 NO3 F . 16.39 18.90 10.45
O3 NO3 F . 14.37 18.31 9.95
C1 PEG G . 32.52 15.51 14.15
O1 PEG G . 31.70 14.57 14.60
C2 PEG G . 33.18 15.07 12.87
O2 PEG G . 34.57 15.42 12.86
C3 PEG G . 34.81 16.80 13.10
C4 PEG G . 33.77 17.71 12.44
O4 PEG G . 33.60 18.88 13.12
C1 GOL H . 15.42 20.92 26.44
O1 GOL H . 15.88 21.63 25.28
C2 GOL H . 16.16 21.25 27.73
O2 GOL H . 15.23 21.50 28.77
C3 GOL H . 17.11 20.16 28.20
O3 GOL H . 18.27 20.68 28.85
C1 GOL I . 21.84 18.78 27.81
O1 GOL I . 20.54 19.36 27.97
C2 GOL I . 22.97 19.61 28.39
O2 GOL I . 23.74 18.80 29.26
C3 GOL I . 23.86 20.28 27.35
O3 GOL I . 24.44 19.39 26.39
C1 GOL J . -1.86 -6.76 0.15
O1 GOL J . -2.09 -5.63 -0.69
C2 GOL J . -1.65 -6.35 1.60
O2 GOL J . -2.73 -5.49 1.99
C3 GOL J . -1.56 -7.51 2.57
O3 GOL J . -2.86 -8.04 2.86
LI LI K . -20.77 -2.87 -13.18
N NO3 L . -9.04 -29.24 -18.19
O1 NO3 L . -9.06 -28.74 -19.32
O2 NO3 L . -8.13 -28.94 -17.42
O3 NO3 L . -9.93 -30.01 -17.83
N NO3 M . -21.93 -15.88 -10.89
O1 NO3 M . -21.51 -14.70 -10.76
O2 NO3 M . -21.48 -16.81 -10.21
O3 NO3 M . -22.80 -16.09 -11.72
C1 GOL N . -17.09 -17.74 -2.58
O1 GOL N . -15.73 -17.40 -2.91
C2 GOL N . -18.04 -17.72 -3.77
O2 GOL N . -19.38 -17.94 -3.30
C3 GOL N . -17.94 -16.46 -4.65
O3 GOL N . -18.67 -15.29 -4.25
#